data_7M2E
#
_entry.id   7M2E
#
_cell.length_a   27.006
_cell.length_b   66.546
_cell.length_c   39.623
_cell.angle_alpha   90.000
_cell.angle_beta   105.610
_cell.angle_gamma   90.000
#
_symmetry.space_group_name_H-M   'P 1 21 1'
#
loop_
_entity.id
_entity.type
_entity.pdbx_description
1 polymer 'Nucleosome-remodeling factor subunit BPTF'
2 non-polymer 4-chloro-5-{4-[2-(dimethylamino)ethyl]anilino}-2-methylpyridazin-3(2H)-one
3 water water
#
_entity_poly.entity_id   1
_entity_poly.type   'polypeptide(L)'
_entity_poly.pdbx_seq_one_letter_code
;SMSTEDAMTVLTPLTEKDYEGLKRVLRSLQAHKMAWPFLEPVDPNDAPDYYGVIKEPMDLATMEERVQRRYYEKLTEFVA
DMTKIFDNCRYYNPSDSPFYQCAEVLESFFVQKLKGFKASRSH
;
_entity_poly.pdbx_strand_id   A
#
loop_
_chem_comp.id
_chem_comp.type
_chem_comp.name
_chem_comp.formula
YOV non-polymer 4-chloro-5-{4-[2-(dimethylamino)ethyl]anilino}-2-methylpyridazin-3(2H)-one 'C15 H19 Cl N4 O'
#
# COMPACT_ATOMS: atom_id res chain seq x y z
N SER A 3 15.48 -15.66 -1.35
CA SER A 3 15.00 -16.56 -2.39
C SER A 3 15.02 -15.89 -3.76
N THR A 4 14.53 -16.62 -4.77
CA THR A 4 14.41 -16.04 -6.10
C THR A 4 13.52 -14.80 -6.07
N GLU A 5 12.38 -14.90 -5.39
CA GLU A 5 11.44 -13.79 -5.35
C GLU A 5 11.94 -12.65 -4.45
N ASP A 6 12.60 -12.98 -3.33
CA ASP A 6 13.15 -11.93 -2.47
C ASP A 6 14.19 -11.10 -3.19
N ALA A 7 15.09 -11.73 -3.94
CA ALA A 7 16.10 -10.96 -4.66
C ALA A 7 15.49 -10.22 -5.85
N MET A 8 14.58 -10.88 -6.58
CA MET A 8 13.83 -10.16 -7.62
C MET A 8 13.15 -8.93 -7.05
N THR A 9 12.51 -9.08 -5.89
CA THR A 9 11.79 -7.96 -5.30
C THR A 9 12.72 -6.77 -5.05
N VAL A 10 13.94 -7.03 -4.56
CA VAL A 10 14.87 -5.96 -4.22
C VAL A 10 15.55 -5.38 -5.47
N LEU A 11 15.85 -6.22 -6.47
CA LEU A 11 16.78 -5.81 -7.52
C LEU A 11 16.16 -5.67 -8.91
N THR A 12 15.08 -6.36 -9.22
CA THR A 12 14.62 -6.38 -10.61
C THR A 12 13.87 -5.09 -10.95
N PRO A 13 14.36 -4.29 -11.89
CA PRO A 13 13.63 -3.06 -12.26
C PRO A 13 12.22 -3.38 -12.71
N LEU A 14 11.28 -2.53 -12.32
CA LEU A 14 9.88 -2.71 -12.72
C LEU A 14 9.70 -2.32 -14.17
N THR A 15 9.08 -3.21 -14.95
CA THR A 15 8.78 -3.00 -16.36
C THR A 15 7.35 -2.51 -16.52
N GLU A 16 7.03 -2.10 -17.76
CA GLU A 16 5.64 -1.77 -18.06
C GLU A 16 4.73 -2.96 -17.79
N LYS A 17 5.18 -4.16 -18.14
CA LYS A 17 4.42 -5.37 -17.84
C LYS A 17 4.22 -5.52 -16.33
N ASP A 18 5.27 -5.29 -15.55
CA ASP A 18 5.09 -5.29 -14.08
C ASP A 18 4.04 -4.29 -13.66
N TYR A 19 4.02 -3.11 -14.30
CA TYR A 19 3.09 -2.06 -13.89
C TYR A 19 1.64 -2.42 -14.16
N GLU A 20 1.34 -3.28 -15.14
CA GLU A 20 -0.02 -3.77 -15.23
C GLU A 20 -0.37 -4.55 -13.97
N GLY A 21 0.57 -5.33 -13.46
CA GLY A 21 0.29 -6.11 -12.27
C GLY A 21 0.15 -5.24 -11.04
N LEU A 22 0.95 -4.17 -10.96
CA LEU A 22 0.84 -3.26 -9.82
C LEU A 22 -0.50 -2.56 -9.80
N LYS A 23 -1.00 -2.14 -10.96
CA LYS A 23 -2.27 -1.44 -11.00
C LYS A 23 -3.42 -2.38 -10.62
N ARG A 24 -3.35 -3.63 -11.07
CA ARG A 24 -4.37 -4.62 -10.68
CA ARG A 24 -4.37 -4.60 -10.68
C ARG A 24 -4.41 -4.78 -9.16
N VAL A 25 -3.24 -4.83 -8.53
CA VAL A 25 -3.19 -5.01 -7.08
C VAL A 25 -3.78 -3.80 -6.39
N LEU A 26 -3.36 -2.61 -6.81
CA LEU A 26 -3.91 -1.41 -6.19
C LEU A 26 -5.41 -1.30 -6.41
N ARG A 27 -5.88 -1.62 -7.61
CA ARG A 27 -7.32 -1.55 -7.85
C ARG A 27 -8.09 -2.52 -6.97
N SER A 28 -7.52 -3.70 -6.73
CA SER A 28 -8.25 -4.65 -5.90
C SER A 28 -8.29 -4.18 -4.45
N LEU A 29 -7.24 -3.52 -3.98
CA LEU A 29 -7.29 -2.95 -2.64
C LEU A 29 -8.34 -1.85 -2.56
N GLN A 30 -8.42 -1.00 -3.59
CA GLN A 30 -9.37 0.11 -3.55
C GLN A 30 -10.82 -0.36 -3.57
N ALA A 31 -11.07 -1.54 -4.15
CA ALA A 31 -12.43 -2.12 -4.16
C ALA A 31 -12.77 -2.91 -2.92
N HIS A 32 -11.80 -3.17 -2.03
CA HIS A 32 -12.04 -3.96 -0.84
C HIS A 32 -12.89 -3.18 0.17
N LYS A 33 -13.85 -3.88 0.81
CA LYS A 33 -14.73 -3.23 1.78
C LYS A 33 -13.97 -2.50 2.87
N MET A 34 -12.83 -3.03 3.30
CA MET A 34 -12.11 -2.51 4.45
C MET A 34 -11.07 -1.46 4.05
N ALA A 35 -11.07 -1.04 2.78
CA ALA A 35 -10.16 0.00 2.31
C ALA A 35 -10.70 1.41 2.52
N TRP A 36 -11.92 1.55 3.02
CA TRP A 36 -12.52 2.88 3.11
C TRP A 36 -11.67 3.90 3.88
N PRO A 37 -10.91 3.56 4.93
CA PRO A 37 -10.15 4.61 5.63
C PRO A 37 -8.90 5.05 4.89
N PHE A 38 -8.54 4.37 3.80
CA PHE A 38 -7.24 4.55 3.15
C PHE A 38 -7.32 5.03 1.72
N LEU A 39 -8.52 5.26 1.20
CA LEU A 39 -8.68 5.60 -0.22
C LEU A 39 -8.07 6.96 -0.52
N GLU A 40 -8.18 7.90 0.41
CA GLU A 40 -7.79 9.28 0.25
C GLU A 40 -6.94 9.67 1.45
N PRO A 41 -6.14 10.74 1.35
CA PRO A 41 -5.32 11.17 2.48
C PRO A 41 -6.15 11.37 3.73
N VAL A 42 -5.54 11.09 4.89
CA VAL A 42 -6.18 11.37 6.17
C VAL A 42 -6.57 12.83 6.23
N ASP A 43 -7.84 13.08 6.49
CA ASP A 43 -8.36 14.43 6.62
C ASP A 43 -7.92 14.97 7.98
N PRO A 44 -7.21 16.10 8.03
CA PRO A 44 -6.79 16.64 9.34
C PRO A 44 -7.95 16.87 10.30
N ASN A 45 -9.16 17.12 9.81
CA ASN A 45 -10.32 17.32 10.68
C ASN A 45 -10.84 16.02 11.28
N ASP A 46 -10.41 14.86 10.77
CA ASP A 46 -10.71 13.61 11.43
C ASP A 46 -9.71 13.29 12.54
N ALA A 47 -8.56 13.95 12.54
CA ALA A 47 -7.49 13.60 13.47
C ALA A 47 -6.55 14.79 13.64
N PRO A 48 -6.87 15.74 14.53
CA PRO A 48 -6.16 17.04 14.53
C PRO A 48 -4.66 16.94 14.77
N ASP A 49 -4.18 15.93 15.49
CA ASP A 49 -2.75 15.81 15.77
C ASP A 49 -2.02 14.92 14.78
N TYR A 50 -2.71 14.41 13.75
CA TYR A 50 -2.15 13.37 12.90
C TYR A 50 -0.90 13.84 12.17
N TYR A 51 -0.98 14.98 11.50
CA TYR A 51 0.14 15.39 10.67
C TYR A 51 1.27 15.99 11.48
N GLY A 52 1.03 16.32 12.74
CA GLY A 52 2.15 16.64 13.61
C GLY A 52 2.91 15.43 14.10
N VAL A 53 2.35 14.24 13.91
CA VAL A 53 2.86 13.02 14.50
C VAL A 53 3.36 12.04 13.43
N ILE A 54 2.68 11.98 12.30
CA ILE A 54 2.98 10.99 11.27
C ILE A 54 3.94 11.59 10.26
N LYS A 55 5.14 11.01 10.18
CA LYS A 55 6.23 11.62 9.41
C LYS A 55 5.97 11.52 7.92
N GLU A 56 5.57 10.35 7.46
CA GLU A 56 5.44 10.06 6.04
C GLU A 56 4.05 9.50 5.81
N PRO A 57 3.03 10.35 5.70
CA PRO A 57 1.69 9.86 5.43
C PRO A 57 1.61 9.18 4.08
N MET A 58 0.62 8.30 3.95
CA MET A 58 0.41 7.61 2.68
C MET A 58 -1.03 7.18 2.60
N ASP A 59 -1.54 7.08 1.35
CA ASP A 59 -2.90 6.68 1.10
C ASP A 59 -2.95 6.07 -0.30
N LEU A 60 -4.09 5.47 -0.63
CA LEU A 60 -4.19 4.74 -1.89
C LEU A 60 -4.25 5.67 -3.08
N ALA A 61 -4.84 6.87 -2.92
CA ALA A 61 -4.87 7.81 -4.04
C ALA A 61 -3.47 8.31 -4.37
N THR A 62 -2.65 8.54 -3.35
CA THR A 62 -1.27 8.95 -3.62
C THR A 62 -0.50 7.84 -4.30
N MET A 63 -0.72 6.59 -3.89
CA MET A 63 -0.06 5.47 -4.56
C MET A 63 -0.56 5.26 -5.98
N GLU A 64 -1.86 5.51 -6.23
CA GLU A 64 -2.39 5.45 -7.60
C GLU A 64 -1.69 6.45 -8.50
N GLU A 65 -1.47 7.66 -7.99
CA GLU A 65 -0.74 8.67 -8.75
C GLU A 65 0.70 8.22 -9.02
N ARG A 66 1.35 7.64 -8.02
CA ARG A 66 2.73 7.19 -8.21
C ARG A 66 2.80 6.03 -9.18
N VAL A 67 1.81 5.13 -9.14
CA VAL A 67 1.78 4.03 -10.12
C VAL A 67 1.60 4.56 -11.53
N GLN A 68 0.69 5.53 -11.71
CA GLN A 68 0.47 6.11 -13.03
C GLN A 68 1.74 6.78 -13.56
N ARG A 69 2.51 7.40 -12.69
CA ARG A 69 3.69 8.15 -13.10
C ARG A 69 4.95 7.31 -13.19
N ARG A 70 4.86 6.01 -12.95
CA ARG A 70 6.03 5.13 -12.94
C ARG A 70 7.06 5.60 -11.90
N TYR A 71 6.56 6.01 -10.74
CA TYR A 71 7.44 6.52 -9.68
C TYR A 71 8.35 5.42 -9.13
N TYR A 72 7.86 4.19 -9.05
CA TYR A 72 8.59 3.09 -8.42
C TYR A 72 9.53 2.44 -9.41
N GLU A 73 10.80 2.33 -9.02
CA GLU A 73 11.76 1.61 -9.83
C GLU A 73 11.87 0.14 -9.44
N LYS A 74 11.70 -0.19 -8.16
CA LYS A 74 11.76 -1.55 -7.67
C LYS A 74 10.49 -1.87 -6.89
N LEU A 75 10.13 -3.16 -6.87
CA LEU A 75 8.96 -3.58 -6.12
C LEU A 75 9.08 -3.23 -4.65
N THR A 76 10.30 -3.28 -4.10
CA THR A 76 10.48 -2.94 -2.68
C THR A 76 9.95 -1.56 -2.36
N GLU A 77 10.10 -0.61 -3.29
CA GLU A 77 9.65 0.75 -3.04
C GLU A 77 8.13 0.84 -3.03
N PHE A 78 7.48 0.07 -3.92
CA PHE A 78 6.02 -0.05 -3.92
C PHE A 78 5.53 -0.66 -2.62
N VAL A 79 6.16 -1.75 -2.19
CA VAL A 79 5.71 -2.42 -0.96
C VAL A 79 5.91 -1.49 0.23
N ALA A 80 6.99 -0.72 0.23
CA ALA A 80 7.26 0.19 1.35
C ALA A 80 6.20 1.29 1.47
N ASP A 81 5.79 1.88 0.35
CA ASP A 81 4.72 2.87 0.38
C ASP A 81 3.42 2.25 0.90
N MET A 82 3.05 1.08 0.38
CA MET A 82 1.83 0.42 0.85
C MET A 82 1.93 0.09 2.34
N THR A 83 3.10 -0.36 2.79
CA THR A 83 3.26 -0.74 4.17
C THR A 83 3.13 0.47 5.09
N LYS A 84 3.54 1.65 4.61
CA LYS A 84 3.37 2.88 5.38
C LYS A 84 1.90 3.15 5.68
N ILE A 85 1.01 2.90 4.71
CA ILE A 85 -0.42 3.10 4.98
C ILE A 85 -0.81 2.36 6.25
N PHE A 86 -0.42 1.10 6.36
CA PHE A 86 -0.88 0.28 7.47
C PHE A 86 -0.08 0.56 8.72
N ASP A 87 1.24 0.76 8.57
CA ASP A 87 2.05 1.08 9.74
C ASP A 87 1.67 2.42 10.34
N ASN A 88 1.40 3.43 9.51
CA ASN A 88 0.98 4.72 10.04
C ASN A 88 -0.30 4.56 10.84
N CYS A 89 -1.23 3.79 10.30
CA CYS A 89 -2.53 3.60 10.94
C CYS A 89 -2.39 2.91 12.29
N ARG A 90 -1.57 1.86 12.37
CA ARG A 90 -1.43 1.16 13.64
C ARG A 90 -0.56 1.94 14.63
N TYR A 91 0.32 2.82 14.13
CA TYR A 91 1.09 3.69 15.01
C TYR A 91 0.18 4.67 15.73
N TYR A 92 -0.75 5.28 15.01
CA TYR A 92 -1.53 6.40 15.53
C TYR A 92 -2.76 5.96 16.31
N ASN A 93 -3.35 4.85 15.92
CA ASN A 93 -4.64 4.47 16.49
C ASN A 93 -4.52 3.34 17.50
N PRO A 94 -5.44 3.24 18.46
CA PRO A 94 -5.47 2.07 19.33
C PRO A 94 -5.92 0.81 18.60
N SER A 95 -5.56 -0.34 19.16
CA SER A 95 -5.78 -1.60 18.47
C SER A 95 -7.26 -1.98 18.34
N ASP A 96 -8.14 -1.39 19.15
CA ASP A 96 -9.56 -1.64 18.98
C ASP A 96 -10.25 -0.57 18.13
N SER A 97 -9.50 0.32 17.51
CA SER A 97 -10.06 1.29 16.59
C SER A 97 -10.52 0.58 15.30
N PRO A 98 -11.64 0.98 14.71
CA PRO A 98 -11.97 0.45 13.38
C PRO A 98 -10.91 0.71 12.33
N PHE A 99 -10.17 1.83 12.42
CA PHE A 99 -9.11 2.07 11.44
C PHE A 99 -8.01 1.01 11.57
N TYR A 100 -7.57 0.77 12.80
CA TYR A 100 -6.55 -0.23 13.08
C TYR A 100 -7.00 -1.60 12.58
N GLN A 101 -8.26 -1.95 12.84
CA GLN A 101 -8.76 -3.23 12.36
C GLN A 101 -8.77 -3.30 10.83
N CYS A 102 -9.12 -2.19 10.18
CA CYS A 102 -9.10 -2.17 8.72
C CYS A 102 -7.68 -2.38 8.20
N ALA A 103 -6.71 -1.80 8.89
CA ALA A 103 -5.32 -1.99 8.47
C ALA A 103 -4.89 -3.45 8.56
N GLU A 104 -5.31 -4.13 9.63
CA GLU A 104 -4.96 -5.54 9.78
C GLU A 104 -5.57 -6.39 8.67
N VAL A 105 -6.83 -6.13 8.34
CA VAL A 105 -7.49 -6.93 7.30
C VAL A 105 -6.91 -6.60 5.93
N LEU A 106 -6.81 -5.31 5.61
CA LEU A 106 -6.35 -4.93 4.28
C LEU A 106 -4.89 -5.29 4.06
N GLU A 107 -4.02 -5.20 5.09
CA GLU A 107 -2.64 -5.64 4.92
C GLU A 107 -2.57 -7.13 4.60
N SER A 108 -3.38 -7.94 5.27
CA SER A 108 -3.35 -9.37 4.96
C SER A 108 -3.81 -9.62 3.53
N PHE A 109 -4.79 -8.85 3.06
CA PHE A 109 -5.26 -8.98 1.68
C PHE A 109 -4.17 -8.56 0.71
N PHE A 110 -3.52 -7.44 0.99
CA PHE A 110 -2.40 -6.98 0.15
C PHE A 110 -1.31 -8.02 0.08
N VAL A 111 -1.01 -8.67 1.20
CA VAL A 111 0.05 -9.69 1.20
C VAL A 111 -0.35 -10.85 0.31
N GLN A 112 -1.61 -11.25 0.36
CA GLN A 112 -2.09 -12.30 -0.55
C GLN A 112 -1.92 -11.87 -2.01
N LYS A 113 -2.32 -10.64 -2.32
CA LYS A 113 -2.22 -10.19 -3.72
C LYS A 113 -0.77 -10.00 -4.12
N LEU A 114 0.06 -9.47 -3.21
CA LEU A 114 1.48 -9.25 -3.52
C LEU A 114 2.19 -10.56 -3.83
N LYS A 115 1.88 -11.60 -3.06
CA LYS A 115 2.45 -12.92 -3.35
C LYS A 115 2.03 -13.44 -4.71
N GLY A 116 0.78 -13.20 -5.10
CA GLY A 116 0.37 -13.56 -6.45
C GLY A 116 1.17 -12.80 -7.50
N PHE A 117 1.32 -11.50 -7.30
CA PHE A 117 2.07 -10.68 -8.23
C PHE A 117 3.53 -11.16 -8.35
N LYS A 118 4.18 -11.45 -7.21
CA LYS A 118 5.57 -11.88 -7.29
C LYS A 118 5.69 -13.23 -8.00
N ALA A 119 4.69 -14.09 -7.84
CA ALA A 119 4.73 -15.39 -8.50
C ALA A 119 4.60 -15.27 -10.01
N SER A 120 3.98 -14.21 -10.50
CA SER A 120 3.75 -14.10 -11.93
C SER A 120 4.81 -13.28 -12.65
N ARG A 121 5.77 -12.69 -11.92
CA ARG A 121 6.82 -11.95 -12.60
C ARG A 121 7.69 -12.86 -13.45
N SER A 122 7.74 -14.15 -13.12
CA SER A 122 8.28 -15.19 -13.99
C SER A 122 7.30 -15.50 -15.12
C01 YOV B . -15.18 11.97 7.77
C03 YOV B . -13.99 13.20 6.12
C04 YOV B . -14.49 10.91 5.75
C05 YOV B . -14.53 9.51 6.39
C06 YOV B . -13.14 8.99 6.74
C07 YOV B . -12.83 8.70 8.06
C08 YOV B . -11.57 8.23 8.39
C09 YOV B . -10.62 8.04 7.40
C11 YOV B . -8.54 7.84 8.92
C12 YOV B . -8.96 8.87 9.73
C15 YOV B . -6.53 8.69 12.46
C16 YOV B . -6.78 7.36 10.47
C18 YOV B . -7.44 7.06 9.29
C20 YOV B . -10.94 8.34 6.08
C21 YOV B . -12.19 8.81 5.74
N02 YOV B . -14.14 11.90 6.76
N10 YOV B . -9.27 7.54 7.69
N13 YOV B . -8.29 9.10 10.84
N14 YOV B . -7.20 8.37 11.22
O17 YOV B . -5.84 6.73 10.80
CL19 YOV B . -6.83 5.71 8.31
#